data_7NXR
#
_entry.id   7NXR
#
_cell.length_a   55.16
_cell.length_b   55.16
_cell.length_c   224.9
_cell.angle_alpha   90
_cell.angle_beta   90
_cell.angle_gamma   120
#
_symmetry.space_group_name_H-M   'P 61'
#
loop_
_entity.id
_entity.type
_entity.pdbx_description
1 polymer 'Capsid vertex component 2'
2 water water
#
_entity_poly.entity_id   1
_entity_poly.type   'polypeptide(L)'
_entity_poly.pdbx_seq_one_letter_code
;MEGVYTVTVYPGDPAFEIQDSLPQKIWPMLYLHQQRWLPSYGPWHIRFTSSAMQLRNFPRSLRGQANFQNSMSLKLITAL
TDVISRISLDFYSDLRHLSDTMSALCLIAAYYSEKNQTPLPTNLPELLGNITAKVTLLVRDLKRAAANKGFNFNRNSSSL
LPAQGGLYSNDFFQEHALYSLFRTAGMLASSSSPEYPRADSVLAITAAVFGDNIPPFAAYQWNLRSGLKALESLILLFLL
LDVNVPATSNKRLHLEALLGESYSKGSRPPARRTGPLDAGGSVFSFLMENYLVPTLLHRPTTNMSALFPGLYLLQLEFSS
GASTPHAIHLTDVKFRDIFNILVQSNVFQDSQELIRAKQSLRVSCETGSGNLLESLSPGTTMRDIIRKEFMAQDVYDYVY
FCVLGALPVTVAVVPAAALEHHHHHHHHH
;
_entity_poly.pdbx_strand_id   A
#
# COMPACT_ATOMS: atom_id res chain seq x y z
N GLY A 3 -19.96 -0.87 12.67
CA GLY A 3 -19.61 0.11 13.69
C GLY A 3 -18.64 1.18 13.19
N VAL A 4 -18.96 2.44 13.43
CA VAL A 4 -18.10 3.56 13.01
C VAL A 4 -16.90 3.74 13.96
N TYR A 5 -15.71 4.05 13.41
CA TYR A 5 -14.50 4.28 14.21
C TYR A 5 -13.83 5.62 13.83
N THR A 6 -12.97 6.13 14.71
CA THR A 6 -12.31 7.42 14.53
C THR A 6 -10.81 7.32 14.21
N VAL A 7 -10.33 8.16 13.28
CA VAL A 7 -8.93 8.27 12.90
C VAL A 7 -8.49 9.74 12.78
N THR A 8 -7.22 10.01 13.05
CA THR A 8 -6.63 11.32 12.85
C THR A 8 -5.36 11.07 12.06
N VAL A 9 -5.21 11.75 10.94
CA VAL A 9 -4.10 11.52 10.04
C VAL A 9 -2.85 12.34 10.37
N TYR A 10 -3.05 13.60 10.79
CA TYR A 10 -1.93 14.50 11.05
C TYR A 10 -2.11 15.22 12.40
N PRO A 11 -1.02 15.48 13.16
CA PRO A 11 -1.18 16.13 14.48
C PRO A 11 -1.84 17.52 14.45
N GLY A 12 -2.86 17.68 15.29
CA GLY A 12 -3.63 18.91 15.36
C GLY A 12 -4.81 18.95 14.40
N ASP A 13 -4.77 18.14 13.34
CA ASP A 13 -5.83 18.08 12.34
C ASP A 13 -7.14 17.48 12.89
N PRO A 14 -8.30 17.67 12.22
CA PRO A 14 -9.54 17.12 12.76
C PRO A 14 -9.59 15.59 12.70
N ALA A 15 -10.40 15.00 13.57
CA ALA A 15 -10.61 13.56 13.59
C ALA A 15 -11.78 13.23 12.65
N PHE A 16 -11.72 12.07 12.00
CA PHE A 16 -12.79 11.65 11.10
C PHE A 16 -13.45 10.37 11.60
N GLU A 17 -14.76 10.27 11.43
CA GLU A 17 -15.50 9.08 11.82
C GLU A 17 -15.81 8.35 10.53
N ILE A 18 -15.28 7.14 10.37
CA ILE A 18 -15.45 6.38 9.12
C ILE A 18 -16.03 5.00 9.31
N GLN A 19 -16.73 4.50 8.30
CA GLN A 19 -17.33 3.17 8.34
C GLN A 19 -16.29 2.16 7.88
N ASP A 20 -15.56 2.45 6.78
CA ASP A 20 -14.53 1.55 6.30
C ASP A 20 -13.32 2.27 5.70
N SER A 21 -13.55 3.28 4.87
CA SER A 21 -12.46 3.96 4.19
C SER A 21 -12.53 5.49 4.34
N LEU A 22 -11.39 6.13 4.72
CA LEU A 22 -11.34 7.58 4.85
C LEU A 22 -11.60 8.29 3.52
N PRO A 23 -10.89 7.99 2.41
CA PRO A 23 -11.20 8.68 1.15
C PRO A 23 -12.64 8.44 0.68
N GLN A 24 -13.23 7.26 0.92
CA GLN A 24 -14.63 7.01 0.52
C GLN A 24 -15.62 7.87 1.33
N LYS A 25 -15.25 8.27 2.54
CA LYS A 25 -16.02 9.17 3.40
C LYS A 25 -15.87 10.63 2.91
N ILE A 26 -14.66 11.02 2.49
CA ILE A 26 -14.36 12.37 2.02
C ILE A 26 -14.96 12.72 0.66
N TRP A 27 -14.72 11.88 -0.38
CA TRP A 27 -15.16 12.22 -1.75
C TRP A 27 -16.61 12.72 -1.88
N PRO A 28 -17.65 12.10 -1.26
CA PRO A 28 -19.01 12.63 -1.44
C PRO A 28 -19.22 14.05 -0.91
N MET A 29 -18.45 14.46 0.10
CA MET A 29 -18.50 15.81 0.66
C MET A 29 -18.00 16.89 -0.31
N LEU A 30 -17.25 16.50 -1.36
CA LEU A 30 -16.71 17.42 -2.37
C LEU A 30 -17.69 17.71 -3.52
N TYR A 31 -18.92 17.17 -3.46
CA TYR A 31 -19.91 17.39 -4.50
C TYR A 31 -21.20 18.04 -3.94
N LEU A 32 -21.08 18.85 -2.89
CA LEU A 32 -22.20 19.53 -2.26
C LEU A 32 -22.24 21.04 -2.57
N HIS A 33 -21.50 21.51 -3.59
CA HIS A 33 -21.47 22.93 -3.98
C HIS A 33 -21.19 23.02 -5.50
N GLN A 34 -21.78 22.10 -6.27
CA GLN A 34 -21.53 21.89 -7.70
C GLN A 34 -21.78 23.09 -8.62
N GLN A 35 -22.50 24.11 -8.15
CA GLN A 35 -22.69 25.32 -8.96
C GLN A 35 -21.61 26.40 -8.67
N ARG A 36 -20.85 26.24 -7.58
CA ARG A 36 -19.77 27.14 -7.21
C ARG A 36 -18.43 26.49 -7.60
N TRP A 37 -18.18 25.24 -7.15
CA TRP A 37 -16.92 24.56 -7.43
C TRP A 37 -17.01 23.03 -7.52
N LEU A 38 -15.99 22.44 -8.16
CA LEU A 38 -15.82 20.99 -8.27
C LEU A 38 -14.40 20.60 -7.84
N PRO A 39 -14.20 19.37 -7.33
CA PRO A 39 -12.84 18.96 -6.96
C PRO A 39 -11.96 18.63 -8.18
N SER A 40 -10.68 19.01 -8.13
CA SER A 40 -9.70 18.71 -9.18
C SER A 40 -8.63 17.86 -8.47
N TYR A 41 -8.32 16.66 -9.00
CA TYR A 41 -7.48 15.72 -8.29
C TYR A 41 -5.99 15.65 -8.68
N GLY A 42 -5.52 16.50 -9.59
CA GLY A 42 -4.10 16.54 -9.94
C GLY A 42 -3.73 16.06 -11.33
N PRO A 43 -2.43 16.14 -11.69
CA PRO A 43 -1.99 15.77 -13.05
C PRO A 43 -2.25 14.33 -13.48
N TRP A 44 -1.82 13.32 -12.71
CA TRP A 44 -2.04 11.92 -13.05
C TRP A 44 -3.55 11.63 -13.18
N HIS A 45 -4.35 12.18 -12.26
CA HIS A 45 -5.80 11.97 -12.29
C HIS A 45 -6.49 12.59 -13.50
N ILE A 46 -6.03 13.78 -13.94
CA ILE A 46 -6.59 14.42 -15.11
C ILE A 46 -6.25 13.64 -16.38
N ARG A 47 -5.02 13.13 -16.51
CA ARG A 47 -4.63 12.33 -17.67
C ARG A 47 -5.37 10.99 -17.67
N PHE A 48 -5.51 10.37 -16.47
CA PHE A 48 -6.24 9.10 -16.32
C PHE A 48 -7.68 9.28 -16.76
N THR A 49 -8.33 10.35 -16.27
CA THR A 49 -9.73 10.63 -16.59
C THR A 49 -9.90 10.91 -18.06
N SER A 50 -8.99 11.71 -18.63
CA SER A 50 -8.97 12.07 -20.05
C SER A 50 -8.83 10.85 -20.95
N SER A 51 -7.92 9.93 -20.60
CA SER A 51 -7.73 8.73 -21.40
C SER A 51 -8.86 7.72 -21.19
N ALA A 52 -9.48 7.70 -19.99
CA ALA A 52 -10.63 6.83 -19.72
C ALA A 52 -11.84 7.28 -20.56
N MET A 53 -11.99 8.60 -20.79
CA MET A 53 -13.09 9.12 -21.60
C MET A 53 -12.93 8.81 -23.11
N GLN A 54 -11.76 8.31 -23.54
CA GLN A 54 -11.49 7.92 -24.92
C GLN A 54 -11.60 6.39 -25.12
N LEU A 55 -11.54 5.59 -24.03
CA LEU A 55 -11.63 4.13 -24.09
C LEU A 55 -13.02 3.68 -24.54
N ARG A 56 -13.06 2.79 -25.54
CA ARG A 56 -14.28 2.25 -26.13
C ARG A 56 -15.13 1.45 -25.14
N ASN A 57 -14.49 0.57 -24.36
CA ASN A 57 -15.22 -0.27 -23.41
C ASN A 57 -15.54 0.40 -22.06
N PHE A 58 -15.04 1.63 -21.84
CA PHE A 58 -15.24 2.31 -20.56
C PHE A 58 -16.69 2.39 -20.11
N PRO A 59 -16.97 1.94 -18.87
CA PRO A 59 -18.35 1.99 -18.37
C PRO A 59 -18.97 3.38 -18.42
N ARG A 60 -20.20 3.45 -18.95
CA ARG A 60 -20.92 4.70 -19.10
C ARG A 60 -21.30 5.34 -17.78
N SER A 61 -21.51 4.53 -16.73
CA SER A 61 -21.84 5.03 -15.40
C SER A 61 -20.73 5.89 -14.79
N LEU A 62 -19.47 5.70 -15.25
CA LEU A 62 -18.33 6.47 -14.75
C LEU A 62 -18.00 7.67 -15.68
N ARG A 63 -18.93 8.07 -16.57
CA ARG A 63 -18.67 9.15 -17.52
C ARG A 63 -19.42 10.47 -17.22
N GLY A 64 -19.55 10.81 -15.94
CA GLY A 64 -20.22 12.03 -15.50
C GLY A 64 -19.58 13.32 -16.01
N GLN A 65 -20.38 14.41 -16.06
CA GLN A 65 -19.96 15.74 -16.54
C GLN A 65 -18.68 16.28 -15.90
N ALA A 66 -18.49 16.03 -14.59
CA ALA A 66 -17.32 16.51 -13.86
C ALA A 66 -15.99 16.12 -14.53
N ASN A 67 -15.93 14.95 -15.19
CA ASN A 67 -14.76 14.45 -15.92
C ASN A 67 -14.25 15.44 -16.98
N PHE A 68 -15.15 16.28 -17.52
CA PHE A 68 -14.81 17.27 -18.55
C PHE A 68 -14.64 18.69 -18.00
N GLN A 69 -14.71 18.88 -16.68
CA GLN A 69 -14.59 20.18 -16.03
C GLN A 69 -13.35 20.21 -15.10
N ASN A 70 -12.21 19.64 -15.55
CA ASN A 70 -10.97 19.51 -14.76
C ASN A 70 -11.20 18.68 -13.46
N SER A 71 -12.31 17.97 -13.39
CA SER A 71 -12.73 17.24 -12.23
C SER A 71 -12.93 15.75 -12.57
N MET A 72 -13.46 14.98 -11.64
CA MET A 72 -13.82 13.59 -11.83
C MET A 72 -15.21 13.45 -11.24
N SER A 73 -16.08 12.63 -11.85
CA SER A 73 -17.39 12.38 -11.26
C SER A 73 -17.18 11.61 -9.93
N LEU A 74 -18.14 11.70 -9.01
CA LEU A 74 -18.06 11.00 -7.74
C LEU A 74 -17.96 9.48 -7.97
N LYS A 75 -18.69 8.97 -8.97
CA LYS A 75 -18.66 7.55 -9.29
C LYS A 75 -17.26 7.11 -9.75
N LEU A 76 -16.60 7.92 -10.62
CA LEU A 76 -15.26 7.59 -11.09
C LEU A 76 -14.20 7.63 -9.97
N ILE A 77 -14.17 8.68 -9.13
CA ILE A 77 -13.18 8.72 -8.04
C ILE A 77 -13.46 7.59 -7.01
N THR A 78 -14.73 7.23 -6.81
CA THR A 78 -15.08 6.13 -5.90
C THR A 78 -14.59 4.81 -6.49
N ALA A 79 -14.80 4.61 -7.80
CA ALA A 79 -14.39 3.38 -8.45
C ALA A 79 -12.87 3.24 -8.43
N LEU A 80 -12.15 4.34 -8.72
CA LEU A 80 -10.70 4.35 -8.70
C LEU A 80 -10.18 4.08 -7.30
N THR A 81 -10.78 4.71 -6.28
CA THR A 81 -10.39 4.48 -4.89
C THR A 81 -10.57 3.00 -4.51
N ASP A 82 -11.67 2.37 -4.96
CA ASP A 82 -11.95 0.96 -4.71
C ASP A 82 -10.88 0.05 -5.34
N VAL A 83 -10.57 0.26 -6.64
CA VAL A 83 -9.54 -0.52 -7.34
C VAL A 83 -8.17 -0.45 -6.65
N ILE A 84 -7.73 0.77 -6.30
CA ILE A 84 -6.44 0.93 -5.64
C ILE A 84 -6.44 0.28 -4.23
N SER A 85 -7.52 0.48 -3.47
CA SER A 85 -7.64 -0.09 -2.14
C SER A 85 -7.63 -1.61 -2.17
N ARG A 86 -8.12 -2.23 -3.26
CA ARG A 86 -8.18 -3.68 -3.38
C ARG A 86 -6.94 -4.32 -4.01
N ILE A 87 -5.89 -3.55 -4.36
CA ILE A 87 -4.69 -4.10 -4.97
C ILE A 87 -4.07 -5.27 -4.18
N SER A 88 -3.85 -5.08 -2.87
CA SER A 88 -3.22 -6.13 -2.05
C SER A 88 -4.19 -6.97 -1.25
N LEU A 89 -5.48 -6.95 -1.64
CA LEU A 89 -6.53 -7.72 -0.96
C LEU A 89 -6.56 -9.13 -1.56
N ASP A 90 -6.57 -10.17 -0.73
CA ASP A 90 -6.63 -11.55 -1.21
C ASP A 90 -8.01 -11.77 -1.87
N PHE A 91 -8.07 -12.14 -3.16
CA PHE A 91 -9.38 -12.34 -3.80
C PHE A 91 -10.04 -13.67 -3.41
N TYR A 92 -9.30 -14.60 -2.80
CA TYR A 92 -9.87 -15.90 -2.39
C TYR A 92 -9.89 -16.10 -0.87
N SER A 93 -10.66 -17.10 -0.41
CA SER A 93 -10.68 -17.45 1.00
C SER A 93 -9.68 -18.60 1.19
N ASP A 94 -8.80 -18.51 2.18
CA ASP A 94 -7.84 -19.58 2.44
C ASP A 94 -7.47 -19.50 3.90
N LEU A 95 -7.77 -20.57 4.67
CA LEU A 95 -7.46 -20.63 6.10
C LEU A 95 -5.96 -20.40 6.38
N ARG A 96 -5.08 -20.77 5.45
CA ARG A 96 -3.64 -20.59 5.64
C ARG A 96 -3.19 -19.14 5.47
N HIS A 97 -4.03 -18.27 4.88
CA HIS A 97 -3.67 -16.89 4.58
C HIS A 97 -3.96 -15.85 5.64
N LEU A 98 -2.99 -15.01 5.86
CA LEU A 98 -3.15 -13.82 6.70
C LEU A 98 -3.25 -12.64 5.69
N SER A 99 -3.80 -11.50 6.12
CA SER A 99 -3.77 -10.29 5.31
C SER A 99 -2.26 -9.84 5.20
N ASP A 100 -1.89 -9.16 4.13
CA ASP A 100 -0.50 -8.72 3.96
C ASP A 100 0.00 -7.87 5.13
N THR A 101 -0.90 -7.07 5.70
CA THR A 101 -0.65 -6.22 6.85
C THR A 101 -0.24 -7.07 8.06
N MET A 102 -1.03 -8.09 8.39
CA MET A 102 -0.76 -8.93 9.55
C MET A 102 0.52 -9.76 9.36
N SER A 103 0.81 -10.19 8.12
CA SER A 103 2.05 -10.93 7.86
C SER A 103 3.27 -10.04 8.11
N ALA A 104 3.22 -8.76 7.65
CA ALA A 104 4.29 -7.78 7.86
C ALA A 104 4.46 -7.50 9.36
N LEU A 105 3.35 -7.38 10.09
CA LEU A 105 3.37 -7.12 11.53
C LEU A 105 3.97 -8.28 12.31
N CYS A 106 3.74 -9.53 11.88
CA CYS A 106 4.32 -10.69 12.55
C CYS A 106 5.83 -10.76 12.27
N LEU A 107 6.24 -10.46 11.03
CA LEU A 107 7.64 -10.45 10.64
C LEU A 107 8.40 -9.37 11.41
N ILE A 108 7.85 -8.15 11.49
CA ILE A 108 8.54 -7.03 12.14
C ILE A 108 8.60 -7.19 13.67
N ALA A 109 7.57 -7.80 14.31
CA ALA A 109 7.56 -8.07 15.76
C ALA A 109 8.57 -9.18 16.09
N ALA A 110 8.70 -10.19 15.20
CA ALA A 110 9.66 -11.27 15.43
C ALA A 110 11.10 -10.73 15.40
N TYR A 111 11.43 -9.89 14.39
CA TYR A 111 12.74 -9.30 14.25
C TYR A 111 13.11 -8.41 15.45
N TYR A 112 12.17 -7.55 15.87
CA TYR A 112 12.33 -6.65 17.01
C TYR A 112 12.56 -7.46 18.32
N SER A 113 11.83 -8.56 18.48
CA SER A 113 11.98 -9.44 19.64
C SER A 113 13.35 -10.12 19.64
N GLU A 114 13.81 -10.61 18.49
CA GLU A 114 15.10 -11.29 18.40
C GLU A 114 16.28 -10.35 18.64
N LYS A 115 16.20 -9.10 18.16
CA LYS A 115 17.27 -8.13 18.34
C LYS A 115 17.32 -7.57 19.76
N ASN A 116 16.18 -7.49 20.44
CA ASN A 116 16.14 -6.94 21.80
C ASN A 116 15.99 -8.01 22.90
N GLN A 117 15.86 -9.30 22.54
CA GLN A 117 15.68 -10.44 23.47
C GLN A 117 14.53 -10.15 24.43
N THR A 118 13.37 -9.85 23.87
CA THR A 118 12.15 -9.46 24.58
C THR A 118 10.99 -10.40 24.19
N PRO A 119 9.97 -10.59 25.05
CA PRO A 119 8.88 -11.50 24.69
C PRO A 119 8.09 -11.13 23.43
N LEU A 120 7.55 -12.17 22.80
CA LEU A 120 6.74 -12.04 21.60
C LEU A 120 5.33 -11.59 21.96
N PRO A 121 4.64 -10.87 21.05
CA PRO A 121 3.25 -10.48 21.33
C PRO A 121 2.31 -11.71 21.32
N THR A 122 1.27 -11.71 22.14
CA THR A 122 0.33 -12.84 22.20
C THR A 122 -1.11 -12.52 21.80
N ASN A 123 -1.38 -11.28 21.38
CA ASN A 123 -2.72 -10.84 20.97
C ASN A 123 -2.62 -9.63 20.02
N LEU A 124 -3.73 -9.22 19.39
CA LEU A 124 -3.76 -8.09 18.46
C LEU A 124 -3.24 -6.77 19.04
N PRO A 125 -3.70 -6.28 20.23
CA PRO A 125 -3.16 -5.01 20.74
C PRO A 125 -1.64 -5.00 20.96
N GLU A 126 -1.04 -6.10 21.45
CA GLU A 126 0.41 -6.18 21.62
C GLU A 126 1.13 -6.18 20.27
N LEU A 127 0.56 -6.89 19.28
CA LEU A 127 1.10 -6.96 17.92
C LEU A 127 1.12 -5.55 17.27
N LEU A 128 0.15 -4.70 17.63
CA LEU A 128 0.04 -3.33 17.15
C LEU A 128 0.83 -2.29 17.97
N GLY A 129 1.57 -2.72 18.99
CA GLY A 129 2.35 -1.82 19.82
C GLY A 129 3.76 -1.54 19.34
N ASN A 130 4.27 -0.33 19.61
CA ASN A 130 5.62 0.13 19.27
C ASN A 130 6.00 -0.02 17.79
N ILE A 131 5.04 0.24 16.88
CA ILE A 131 5.27 0.10 15.45
C ILE A 131 6.37 1.03 14.97
N THR A 132 6.40 2.29 15.46
CA THR A 132 7.45 3.23 15.06
C THR A 132 8.83 2.74 15.43
N ALA A 133 9.01 2.19 16.66
CA ALA A 133 10.32 1.68 17.06
C ALA A 133 10.67 0.42 16.26
N LYS A 134 9.68 -0.42 15.92
CA LYS A 134 9.93 -1.63 15.13
C LYS A 134 10.40 -1.28 13.73
N VAL A 135 9.73 -0.29 13.09
CA VAL A 135 10.10 0.18 11.75
C VAL A 135 11.44 0.89 11.77
N THR A 136 11.71 1.70 12.81
CA THR A 136 12.98 2.44 12.96
C THR A 136 14.15 1.46 13.02
N LEU A 137 14.02 0.38 13.81
CA LEU A 137 15.05 -0.65 13.95
C LEU A 137 15.27 -1.35 12.62
N LEU A 138 14.17 -1.68 11.94
CA LEU A 138 14.23 -2.36 10.66
C LEU A 138 14.88 -1.50 9.58
N VAL A 139 14.55 -0.20 9.50
CA VAL A 139 15.13 0.68 8.47
C VAL A 139 16.63 0.87 8.66
N ARG A 140 17.08 1.02 9.92
CA ARG A 140 18.51 1.19 10.18
C ARG A 140 19.28 -0.10 9.93
N ASP A 141 18.74 -1.26 10.33
CA ASP A 141 19.43 -2.52 10.11
C ASP A 141 19.44 -2.96 8.65
N LEU A 142 18.37 -2.61 7.91
CA LEU A 142 18.16 -2.96 6.51
C LEU A 142 19.21 -2.34 5.60
N LYS A 143 19.78 -1.19 5.98
CA LYS A 143 20.83 -0.53 5.18
C LYS A 143 22.03 -1.46 4.95
N ARG A 144 22.35 -2.31 5.95
CA ARG A 144 23.44 -3.27 5.88
C ARG A 144 23.11 -4.38 4.86
N ALA A 145 21.90 -4.95 4.93
CA ALA A 145 21.50 -6.01 4.00
C ALA A 145 21.31 -5.52 2.56
N ALA A 146 20.77 -4.30 2.39
CA ALA A 146 20.54 -3.72 1.06
C ALA A 146 21.79 -3.19 0.36
N ALA A 147 22.98 -3.33 0.97
CA ALA A 147 24.22 -2.88 0.33
C ALA A 147 24.56 -3.78 -0.86
N ASN A 148 24.35 -5.09 -0.72
CA ASN A 148 24.64 -6.04 -1.79
C ASN A 148 23.40 -6.73 -2.37
N LYS A 149 22.19 -6.44 -1.86
CA LYS A 149 20.99 -7.08 -2.37
C LYS A 149 19.88 -6.10 -2.71
N GLY A 150 19.02 -6.48 -3.65
CA GLY A 150 17.90 -5.66 -4.06
C GLY A 150 16.63 -5.98 -3.29
N PHE A 151 15.49 -5.59 -3.85
CA PHE A 151 14.20 -5.81 -3.20
C PHE A 151 13.16 -6.46 -4.12
N ASN A 152 13.60 -7.03 -5.25
CA ASN A 152 12.69 -7.68 -6.17
C ASN A 152 12.85 -9.19 -6.15
N PHE A 153 11.74 -9.89 -6.27
CA PHE A 153 11.77 -11.35 -6.26
C PHE A 153 12.21 -11.90 -7.61
N ASN A 154 12.79 -13.09 -7.61
CA ASN A 154 13.18 -13.75 -8.86
C ASN A 154 12.02 -14.63 -9.27
N ARG A 155 11.10 -14.08 -10.06
CA ARG A 155 9.88 -14.76 -10.41
C ARG A 155 9.94 -15.68 -11.65
N ASN A 156 9.01 -16.64 -11.68
CA ASN A 156 8.77 -17.65 -12.71
C ASN A 156 7.26 -17.67 -12.87
N SER A 157 6.73 -17.02 -13.93
CA SER A 157 5.30 -16.84 -14.23
C SER A 157 4.71 -15.63 -13.49
N SER A 158 3.57 -15.11 -13.97
CA SER A 158 2.93 -13.95 -13.32
C SER A 158 1.89 -14.34 -12.24
N SER A 159 1.79 -15.63 -11.89
CA SER A 159 0.87 -16.06 -10.84
C SER A 159 1.44 -15.63 -9.48
N LEU A 160 0.57 -15.31 -8.53
CA LEU A 160 1.02 -14.84 -7.22
C LEU A 160 1.34 -15.98 -6.24
N LEU A 161 0.59 -17.09 -6.34
CA LEU A 161 0.70 -18.23 -5.44
C LEU A 161 1.87 -19.16 -5.76
N PRO A 162 2.40 -19.84 -4.74
CA PRO A 162 3.49 -20.80 -5.00
C PRO A 162 2.97 -22.13 -5.57
N ALA A 163 3.88 -23.01 -5.97
CA ALA A 163 3.53 -24.33 -6.50
C ALA A 163 2.87 -25.20 -5.39
N GLN A 164 2.25 -26.35 -5.78
CA GLN A 164 1.64 -27.31 -4.82
C GLN A 164 2.72 -27.76 -3.85
N GLY A 165 2.48 -27.53 -2.58
CA GLY A 165 3.46 -27.78 -1.55
C GLY A 165 3.73 -26.54 -0.70
N GLY A 166 3.53 -25.35 -1.29
CA GLY A 166 3.65 -24.08 -0.59
C GLY A 166 4.92 -23.29 -0.84
N LEU A 167 5.82 -23.83 -1.66
CA LEU A 167 7.10 -23.17 -1.90
C LEU A 167 7.20 -22.56 -3.28
N TYR A 168 7.89 -21.43 -3.37
CA TYR A 168 8.23 -20.83 -4.65
C TYR A 168 9.54 -21.51 -5.12
N SER A 169 10.12 -21.09 -6.26
CA SER A 169 11.40 -21.64 -6.72
C SER A 169 12.50 -21.36 -5.66
N ASN A 170 13.50 -22.25 -5.56
CA ASN A 170 14.58 -22.12 -4.58
C ASN A 170 15.24 -20.73 -4.54
N ASP A 171 15.34 -20.06 -5.68
CA ASP A 171 15.98 -18.76 -5.76
C ASP A 171 15.03 -17.56 -5.65
N PHE A 172 13.73 -17.78 -5.41
CA PHE A 172 12.74 -16.69 -5.35
C PHE A 172 13.10 -15.55 -4.39
N PHE A 173 13.45 -15.88 -3.13
CA PHE A 173 13.78 -14.87 -2.12
C PHE A 173 15.28 -14.63 -1.93
N GLN A 174 16.15 -15.45 -2.60
CA GLN A 174 17.61 -15.44 -2.48
C GLN A 174 18.25 -14.05 -2.54
N GLU A 175 17.90 -13.23 -3.54
CA GLU A 175 18.47 -11.90 -3.70
C GLU A 175 17.63 -10.76 -3.09
N HIS A 176 16.81 -11.06 -2.06
CA HIS A 176 15.97 -10.03 -1.43
C HIS A 176 16.58 -9.61 -0.10
N ALA A 177 16.89 -8.31 0.05
CA ALA A 177 17.52 -7.73 1.24
C ALA A 177 16.76 -7.98 2.54
N LEU A 178 15.42 -7.86 2.51
CA LEU A 178 14.62 -8.06 3.72
C LEU A 178 14.61 -9.51 4.15
N TYR A 179 14.51 -10.45 3.18
CA TYR A 179 14.57 -11.89 3.45
C TYR A 179 15.96 -12.22 4.03
N SER A 180 17.04 -11.69 3.40
CA SER A 180 18.40 -11.92 3.85
C SER A 180 18.63 -11.40 5.25
N LEU A 181 18.10 -10.21 5.58
CA LEU A 181 18.22 -9.63 6.91
C LEU A 181 17.59 -10.54 7.98
N PHE A 182 16.41 -11.10 7.67
CA PHE A 182 15.69 -11.98 8.59
C PHE A 182 16.46 -13.29 8.80
N ARG A 183 17.05 -13.83 7.72
CA ARG A 183 17.84 -15.05 7.79
C ARG A 183 19.10 -14.87 8.64
N THR A 184 19.81 -13.73 8.51
CA THR A 184 20.99 -13.44 9.35
C THR A 184 20.65 -13.39 10.84
N ALA A 185 19.40 -13.03 11.18
CA ALA A 185 18.92 -13.00 12.54
C ALA A 185 18.37 -14.38 13.04
N GLY A 186 18.40 -15.40 12.20
CA GLY A 186 17.94 -16.74 12.53
C GLY A 186 16.49 -17.04 12.21
N MET A 187 15.78 -16.07 11.62
CA MET A 187 14.37 -16.27 11.26
C MET A 187 14.23 -17.17 10.04
N LEU A 188 13.02 -17.74 9.85
CA LEU A 188 12.63 -18.52 8.68
C LEU A 188 13.54 -19.71 8.40
N ALA A 189 13.97 -20.41 9.46
CA ALA A 189 14.85 -21.56 9.29
C ALA A 189 14.10 -22.77 8.73
N SER A 190 14.83 -23.60 8.01
CA SER A 190 14.26 -24.79 7.41
C SER A 190 15.12 -26.04 7.69
N SER A 191 14.64 -27.21 7.23
CA SER A 191 15.30 -28.51 7.35
C SER A 191 16.70 -28.52 6.71
N SER A 192 16.95 -27.62 5.75
CA SER A 192 18.23 -27.52 5.08
C SER A 192 19.05 -26.27 5.49
N SER A 193 18.63 -25.55 6.56
CA SER A 193 19.35 -24.36 7.00
C SER A 193 20.68 -24.71 7.67
N PRO A 194 21.75 -23.98 7.35
CA PRO A 194 23.08 -24.34 7.86
C PRO A 194 23.31 -24.13 9.35
N GLU A 195 22.67 -23.12 9.95
CA GLU A 195 22.88 -22.83 11.37
C GLU A 195 22.04 -23.74 12.28
N TYR A 196 22.28 -23.75 13.61
CA TYR A 196 21.47 -24.53 14.55
C TYR A 196 20.17 -23.76 14.69
N PRO A 197 19.02 -24.31 14.25
CA PRO A 197 17.79 -23.50 14.25
C PRO A 197 17.37 -22.88 15.59
N ARG A 198 17.03 -21.58 15.54
CA ARG A 198 16.47 -20.87 16.69
C ARG A 198 14.94 -21.05 16.61
N ALA A 199 14.22 -20.69 17.68
CA ALA A 199 12.76 -20.75 17.73
C ALA A 199 12.13 -19.92 16.58
N ASP A 200 11.09 -20.46 15.92
CA ASP A 200 10.43 -19.69 14.85
C ASP A 200 9.48 -18.74 15.55
N SER A 201 9.95 -17.52 15.81
CA SER A 201 9.19 -16.46 16.47
C SER A 201 7.96 -16.03 15.66
N VAL A 202 8.02 -16.09 14.31
CA VAL A 202 6.85 -15.73 13.49
C VAL A 202 5.70 -16.72 13.75
N LEU A 203 5.99 -18.02 13.79
CA LEU A 203 5.02 -19.07 14.04
C LEU A 203 4.46 -19.01 15.45
N ALA A 204 5.30 -18.64 16.43
CA ALA A 204 4.83 -18.48 17.81
C ALA A 204 3.83 -17.31 17.89
N ILE A 205 4.07 -16.23 17.11
CA ILE A 205 3.15 -15.10 17.08
C ILE A 205 1.86 -15.49 16.37
N THR A 206 1.94 -16.13 15.19
CA THR A 206 0.74 -16.50 14.44
C THR A 206 -0.11 -17.52 15.23
N ALA A 207 0.52 -18.48 15.91
CA ALA A 207 -0.21 -19.47 16.70
C ALA A 207 -0.95 -18.81 17.85
N ALA A 208 -0.35 -17.80 18.48
CA ALA A 208 -0.95 -17.10 19.60
C ALA A 208 -2.08 -16.14 19.21
N VAL A 209 -1.86 -15.36 18.15
CA VAL A 209 -2.81 -14.34 17.71
C VAL A 209 -3.90 -14.88 16.76
N PHE A 210 -3.52 -15.70 15.77
CA PHE A 210 -4.47 -16.15 14.76
C PHE A 210 -4.85 -17.65 14.83
N GLY A 211 -4.02 -18.49 15.42
CA GLY A 211 -4.34 -19.92 15.52
C GLY A 211 -3.45 -20.84 14.71
N ASP A 212 -3.78 -22.14 14.72
CA ASP A 212 -3.03 -23.22 14.08
C ASP A 212 -3.12 -23.31 12.55
N ASN A 213 -4.08 -22.64 11.91
CA ASN A 213 -4.22 -22.73 10.46
C ASN A 213 -3.11 -21.99 9.68
N ILE A 214 -2.43 -21.02 10.32
CA ILE A 214 -1.34 -20.30 9.63
C ILE A 214 -0.07 -21.17 9.68
N PRO A 215 0.43 -21.67 8.55
CA PRO A 215 1.63 -22.51 8.58
C PRO A 215 2.93 -21.67 8.74
N PRO A 216 4.10 -22.32 8.99
CA PRO A 216 5.35 -21.54 9.01
C PRO A 216 5.55 -20.77 7.70
N PHE A 217 6.03 -19.52 7.77
CA PHE A 217 6.24 -18.72 6.55
C PHE A 217 7.23 -19.36 5.58
N ALA A 218 8.21 -20.14 6.09
CA ALA A 218 9.18 -20.81 5.23
C ALA A 218 8.62 -22.09 4.58
N ALA A 219 7.51 -22.64 5.12
CA ALA A 219 6.88 -23.84 4.60
C ALA A 219 5.71 -23.47 3.66
N TYR A 220 4.93 -22.46 4.01
CA TYR A 220 3.85 -21.96 3.16
C TYR A 220 4.21 -20.50 2.90
N GLN A 221 4.93 -20.28 1.82
CA GLN A 221 5.61 -19.05 1.46
C GLN A 221 4.77 -17.92 0.89
N TRP A 222 3.46 -18.10 0.69
CA TRP A 222 2.61 -17.01 0.21
C TRP A 222 2.59 -15.86 1.26
N ASN A 223 2.46 -16.21 2.57
CA ASN A 223 2.46 -15.20 3.63
C ASN A 223 3.79 -14.46 3.72
N LEU A 224 4.90 -15.12 3.35
CA LEU A 224 6.21 -14.48 3.36
C LEU A 224 6.33 -13.49 2.19
N ARG A 225 5.90 -13.90 0.99
CA ARG A 225 5.93 -13.00 -0.18
C ARG A 225 5.05 -11.75 0.08
N SER A 226 3.85 -11.99 0.57
CA SER A 226 2.84 -11.01 0.92
C SER A 226 3.30 -10.07 2.06
N GLY A 227 3.82 -10.64 3.14
CA GLY A 227 4.29 -9.85 4.29
C GLY A 227 5.51 -9.01 3.95
N LEU A 228 6.43 -9.56 3.15
CA LEU A 228 7.63 -8.81 2.77
C LEU A 228 7.27 -7.58 1.95
N LYS A 229 6.32 -7.69 1.01
CA LYS A 229 5.90 -6.54 0.22
C LYS A 229 5.08 -5.54 1.02
N ALA A 230 4.27 -6.00 1.98
CA ALA A 230 3.53 -5.07 2.84
C ALA A 230 4.53 -4.30 3.76
N LEU A 231 5.61 -4.98 4.20
CA LEU A 231 6.68 -4.39 5.01
C LEU A 231 7.46 -3.36 4.18
N GLU A 232 7.72 -3.65 2.89
CA GLU A 232 8.38 -2.68 2.00
C GLU A 232 7.55 -1.39 1.89
N SER A 233 6.21 -1.52 1.87
CA SER A 233 5.30 -0.38 1.82
C SER A 233 5.43 0.46 3.10
N LEU A 234 5.48 -0.17 4.28
CA LEU A 234 5.67 0.52 5.57
C LEU A 234 7.06 1.23 5.65
N ILE A 235 8.11 0.60 5.11
CA ILE A 235 9.47 1.19 5.06
C ILE A 235 9.46 2.42 4.12
N LEU A 236 8.76 2.32 2.96
CA LEU A 236 8.66 3.42 2.01
C LEU A 236 7.88 4.60 2.60
N LEU A 237 6.85 4.29 3.39
CA LEU A 237 6.07 5.31 4.09
C LEU A 237 6.97 6.02 5.11
N PHE A 238 7.76 5.25 5.86
CA PHE A 238 8.70 5.79 6.82
C PHE A 238 9.72 6.71 6.13
N LEU A 239 10.30 6.25 5.01
CA LEU A 239 11.30 7.04 4.28
C LEU A 239 10.72 8.30 3.63
N LEU A 240 9.46 8.23 3.18
CA LEU A 240 8.80 9.39 2.55
C LEU A 240 8.56 10.49 3.57
N LEU A 241 8.16 10.11 4.79
CA LEU A 241 7.88 11.09 5.83
C LEU A 241 9.14 11.54 6.62
N ASP A 242 10.33 11.00 6.29
CA ASP A 242 11.61 11.31 6.93
C ASP A 242 12.48 12.25 6.08
N SER A 249 6.57 24.27 2.74
CA SER A 249 6.03 25.36 3.58
C SER A 249 4.59 25.65 3.13
N ASN A 250 4.36 25.82 1.82
CA ASN A 250 3.00 25.91 1.31
C ASN A 250 2.50 24.46 1.06
N LYS A 251 1.19 24.24 1.13
CA LYS A 251 0.63 22.90 0.90
C LYS A 251 -0.47 22.94 -0.14
N ARG A 252 -0.73 21.80 -0.80
CA ARG A 252 -1.80 21.70 -1.78
C ARG A 252 -3.14 21.45 -1.08
N LEU A 253 -3.17 20.55 -0.08
CA LEU A 253 -4.42 20.16 0.58
C LEU A 253 -4.92 21.15 1.63
N HIS A 254 -6.09 21.74 1.40
CA HIS A 254 -6.69 22.69 2.32
C HIS A 254 -8.08 22.22 2.76
N LEU A 255 -8.13 21.47 3.87
CA LEU A 255 -9.37 20.91 4.39
C LEU A 255 -10.44 21.93 4.71
N GLU A 256 -10.06 23.14 5.17
CA GLU A 256 -11.04 24.20 5.47
C GLU A 256 -11.78 24.60 4.21
N ALA A 257 -11.05 24.78 3.11
CA ALA A 257 -11.66 25.15 1.84
C ALA A 257 -12.51 24.04 1.23
N LEU A 258 -12.06 22.78 1.32
CA LEU A 258 -12.79 21.66 0.76
C LEU A 258 -14.03 21.22 1.55
N LEU A 259 -13.92 21.17 2.88
CA LEU A 259 -14.99 20.65 3.73
C LEU A 259 -15.71 21.65 4.63
N GLY A 260 -15.09 22.80 4.88
CA GLY A 260 -15.68 23.80 5.76
C GLY A 260 -14.75 24.21 6.88
N GLU A 261 -14.84 25.49 7.32
CA GLU A 261 -14.06 26.15 8.38
C GLU A 261 -13.94 25.33 9.67
N SER A 262 -14.94 24.48 9.97
CA SER A 262 -14.91 23.63 11.17
C SER A 262 -13.74 22.63 11.13
N TYR A 263 -13.33 22.19 9.92
CA TYR A 263 -12.21 21.28 9.72
C TYR A 263 -10.87 22.04 9.69
N SER A 282 7.14 12.25 15.91
CA SER A 282 7.25 12.38 14.46
C SER A 282 5.88 12.24 13.75
N VAL A 283 5.83 12.66 12.47
CA VAL A 283 4.64 12.55 11.65
C VAL A 283 4.29 11.07 11.46
N PHE A 284 5.32 10.22 11.20
CA PHE A 284 5.12 8.78 11.03
C PHE A 284 4.50 8.15 12.28
N SER A 285 5.03 8.48 13.47
CA SER A 285 4.53 7.92 14.73
C SER A 285 3.10 8.34 15.02
N PHE A 286 2.75 9.61 14.73
CA PHE A 286 1.38 10.10 14.91
C PHE A 286 0.44 9.31 13.98
N LEU A 287 0.84 9.13 12.70
CA LEU A 287 0.04 8.37 11.73
C LEU A 287 -0.18 6.93 12.23
N MET A 288 0.86 6.29 12.76
CA MET A 288 0.74 4.93 13.29
C MET A 288 -0.28 4.86 14.45
N GLU A 289 -0.15 5.74 15.44
CA GLU A 289 -0.99 5.70 16.63
C GLU A 289 -2.41 6.18 16.47
N ASN A 290 -2.64 7.11 15.52
CA ASN A 290 -3.98 7.69 15.37
C ASN A 290 -4.71 7.29 14.10
N TYR A 291 -4.04 6.59 13.16
CA TYR A 291 -4.69 6.15 11.94
C TYR A 291 -4.55 4.64 11.75
N LEU A 292 -3.31 4.13 11.75
CA LEU A 292 -3.06 2.70 11.53
C LEU A 292 -3.58 1.80 12.65
N VAL A 293 -3.21 2.09 13.89
CA VAL A 293 -3.61 1.28 15.03
C VAL A 293 -5.14 1.31 15.20
N PRO A 294 -5.83 2.48 15.23
CA PRO A 294 -7.30 2.45 15.31
C PRO A 294 -7.96 1.69 14.17
N THR A 295 -7.43 1.82 12.93
CA THR A 295 -7.98 1.07 11.80
C THR A 295 -7.91 -0.44 12.03
N LEU A 296 -6.72 -0.98 12.36
CA LEU A 296 -6.59 -2.42 12.55
C LEU A 296 -7.30 -2.96 13.82
N LEU A 297 -7.50 -2.13 14.86
CA LEU A 297 -8.24 -2.57 16.05
C LEU A 297 -9.72 -2.76 15.72
N HIS A 298 -10.26 -1.91 14.86
CA HIS A 298 -11.66 -1.97 14.47
C HIS A 298 -11.92 -2.80 13.22
N ARG A 299 -10.92 -2.93 12.34
CA ARG A 299 -11.00 -3.66 11.08
C ARG A 299 -9.69 -4.45 10.91
N PRO A 300 -9.55 -5.57 11.65
CA PRO A 300 -8.27 -6.31 11.64
C PRO A 300 -7.82 -6.93 10.33
N THR A 301 -8.70 -7.13 9.34
CA THR A 301 -8.28 -7.75 8.08
C THR A 301 -7.85 -6.73 7.01
N THR A 302 -7.84 -5.42 7.33
CA THR A 302 -7.48 -4.37 6.37
C THR A 302 -6.14 -4.62 5.68
N ASN A 303 -6.16 -4.69 4.35
CA ASN A 303 -4.95 -4.88 3.58
C ASN A 303 -4.15 -3.56 3.42
N MET A 304 -2.85 -3.67 3.17
CA MET A 304 -1.94 -2.54 3.10
C MET A 304 -2.35 -1.47 2.07
N SER A 305 -2.82 -1.86 0.88
CA SER A 305 -3.24 -0.88 -0.14
C SER A 305 -4.54 -0.15 0.23
N ALA A 306 -5.34 -0.70 1.15
CA ALA A 306 -6.54 -0.06 1.69
C ALA A 306 -6.14 0.92 2.79
N LEU A 307 -5.04 0.66 3.54
CA LEU A 307 -4.55 1.61 4.55
C LEU A 307 -3.89 2.79 3.83
N PHE A 308 -3.01 2.46 2.86
CA PHE A 308 -2.23 3.47 2.14
C PHE A 308 -2.35 3.37 0.63
N PRO A 309 -3.51 3.74 0.06
CA PRO A 309 -3.66 3.62 -1.40
C PRO A 309 -2.69 4.44 -2.23
N GLY A 310 -2.35 5.64 -1.74
CA GLY A 310 -1.41 6.53 -2.40
C GLY A 310 -0.04 5.91 -2.59
N LEU A 311 0.45 5.15 -1.57
CA LEU A 311 1.74 4.46 -1.68
C LEU A 311 1.75 3.48 -2.89
N TYR A 312 0.63 2.79 -3.12
CA TYR A 312 0.49 1.84 -4.23
C TYR A 312 0.48 2.56 -5.60
N LEU A 313 0.01 3.79 -5.65
CA LEU A 313 0.05 4.59 -6.87
C LEU A 313 1.48 5.00 -7.17
N LEU A 314 2.25 5.38 -6.14
CA LEU A 314 3.66 5.74 -6.28
C LEU A 314 4.44 4.52 -6.75
N GLN A 315 4.13 3.33 -6.19
CA GLN A 315 4.77 2.07 -6.57
C GLN A 315 4.47 1.76 -8.03
N LEU A 316 3.19 1.91 -8.44
CA LEU A 316 2.77 1.71 -9.83
C LEU A 316 3.53 2.65 -10.76
N GLU A 317 3.73 3.91 -10.35
CA GLU A 317 4.46 4.91 -11.16
C GLU A 317 5.91 4.56 -11.41
N PHE A 318 6.54 3.86 -10.47
CA PHE A 318 7.92 3.45 -10.61
C PHE A 318 8.08 1.96 -10.97
N SER A 319 6.98 1.28 -11.42
CA SER A 319 7.02 -0.14 -11.76
C SER A 319 7.97 -0.47 -12.93
N SER A 320 8.21 0.47 -13.85
CA SER A 320 9.18 0.23 -14.94
C SER A 320 10.65 0.55 -14.52
N GLY A 321 10.83 1.15 -13.35
CA GLY A 321 12.15 1.55 -12.86
C GLY A 321 12.61 2.89 -13.44
N ALA A 322 11.70 3.63 -14.09
CA ALA A 322 11.99 4.95 -14.65
C ALA A 322 10.80 5.90 -14.47
N SER A 323 11.09 7.21 -14.46
CA SER A 323 10.06 8.24 -14.34
C SER A 323 10.04 9.20 -15.56
N THR A 324 10.55 8.75 -16.72
CA THR A 324 10.55 9.50 -17.98
C THR A 324 9.11 9.51 -18.54
N PRO A 325 8.62 10.60 -19.17
CA PRO A 325 7.25 10.59 -19.71
C PRO A 325 6.91 9.41 -20.62
N HIS A 326 7.91 8.80 -21.30
CA HIS A 326 7.66 7.62 -22.12
C HIS A 326 7.29 6.44 -21.21
N ALA A 327 8.11 6.21 -20.15
CA ALA A 327 7.88 5.14 -19.16
C ALA A 327 6.58 5.38 -18.39
N ILE A 328 6.28 6.65 -18.07
CA ILE A 328 5.05 7.02 -17.37
C ILE A 328 3.85 6.73 -18.28
N HIS A 329 3.94 7.12 -19.56
CA HIS A 329 2.86 6.88 -20.52
C HIS A 329 2.53 5.40 -20.68
N LEU A 330 3.55 4.54 -20.85
CA LEU A 330 3.37 3.08 -20.98
C LEU A 330 2.71 2.50 -19.72
N THR A 331 3.11 3.00 -18.54
CA THR A 331 2.55 2.56 -17.26
C THR A 331 1.06 2.97 -17.20
N ASP A 332 0.77 4.21 -17.59
CA ASP A 332 -0.58 4.78 -17.60
C ASP A 332 -1.51 4.01 -18.54
N VAL A 333 -1.01 3.59 -19.72
CA VAL A 333 -1.80 2.82 -20.68
C VAL A 333 -2.12 1.46 -20.07
N LYS A 334 -1.09 0.80 -19.49
CA LYS A 334 -1.24 -0.50 -18.85
C LYS A 334 -2.25 -0.44 -17.70
N PHE A 335 -2.18 0.59 -16.86
CA PHE A 335 -3.11 0.73 -15.74
C PHE A 335 -4.52 0.99 -16.25
N ARG A 336 -4.70 1.84 -17.27
CA ARG A 336 -6.02 2.15 -17.77
C ARG A 336 -6.72 0.93 -18.39
N ASP A 337 -5.95 0.03 -19.02
CA ASP A 337 -6.51 -1.19 -19.57
C ASP A 337 -6.92 -2.13 -18.43
N ILE A 338 -6.10 -2.20 -17.37
CA ILE A 338 -6.39 -3.01 -16.18
C ILE A 338 -7.63 -2.48 -15.45
N PHE A 339 -7.71 -1.15 -15.26
CA PHE A 339 -8.84 -0.49 -14.60
C PHE A 339 -10.14 -0.81 -15.35
N ASN A 340 -10.09 -0.72 -16.69
CA ASN A 340 -11.18 -0.99 -17.60
C ASN A 340 -11.73 -2.39 -17.39
N ILE A 341 -10.84 -3.41 -17.31
CA ILE A 341 -11.21 -4.80 -17.08
C ILE A 341 -11.85 -4.98 -15.71
N LEU A 342 -11.27 -4.36 -14.68
CA LEU A 342 -11.74 -4.47 -13.32
C LEU A 342 -13.12 -3.84 -13.06
N VAL A 343 -13.49 -2.79 -13.80
CA VAL A 343 -14.80 -2.15 -13.62
C VAL A 343 -15.86 -2.59 -14.66
N GLN A 344 -15.56 -3.62 -15.47
CA GLN A 344 -16.51 -4.10 -16.48
C GLN A 344 -17.72 -4.76 -15.84
N SER A 345 -18.88 -4.65 -16.50
CA SER A 345 -20.12 -5.33 -16.10
C SER A 345 -20.61 -5.99 -17.38
N ASN A 346 -20.09 -7.16 -17.67
CA ASN A 346 -20.37 -7.89 -18.89
C ASN A 346 -20.21 -9.38 -18.59
N VAL A 347 -21.28 -10.16 -18.81
CA VAL A 347 -21.27 -11.60 -18.55
C VAL A 347 -20.37 -12.33 -19.53
N SER A 351 -13.75 -14.52 -16.65
CA SER A 351 -13.27 -14.35 -15.28
C SER A 351 -11.77 -14.54 -15.15
N GLN A 352 -11.15 -15.29 -16.05
CA GLN A 352 -9.70 -15.51 -16.03
C GLN A 352 -8.94 -14.24 -16.44
N GLU A 353 -9.56 -13.41 -17.32
CA GLU A 353 -9.00 -12.13 -17.77
C GLU A 353 -8.98 -11.14 -16.58
N LEU A 354 -10.04 -11.18 -15.76
CA LEU A 354 -10.22 -10.35 -14.57
C LEU A 354 -9.18 -10.71 -13.50
N ILE A 355 -8.93 -12.03 -13.29
CA ILE A 355 -7.92 -12.52 -12.34
C ILE A 355 -6.53 -12.09 -12.80
N ARG A 356 -6.27 -12.22 -14.09
CA ARG A 356 -5.00 -11.83 -14.71
C ARG A 356 -4.73 -10.34 -14.50
N ALA A 357 -5.78 -9.49 -14.59
CA ALA A 357 -5.66 -8.05 -14.43
C ALA A 357 -5.36 -7.66 -12.97
N LYS A 358 -6.02 -8.32 -12.02
CA LYS A 358 -5.80 -8.09 -10.59
C LYS A 358 -4.37 -8.47 -10.20
N GLN A 359 -3.91 -9.64 -10.68
CA GLN A 359 -2.56 -10.17 -10.45
C GLN A 359 -1.52 -9.25 -11.09
N SER A 360 -1.79 -8.78 -12.31
CA SER A 360 -0.85 -7.92 -13.02
C SER A 360 -0.67 -6.58 -12.27
N LEU A 361 -1.76 -5.99 -11.77
CA LEU A 361 -1.67 -4.73 -11.03
C LEU A 361 -0.91 -4.95 -9.71
N ARG A 362 -1.20 -6.07 -9.01
CA ARG A 362 -0.51 -6.37 -7.76
C ARG A 362 1.01 -6.58 -7.99
N VAL A 363 1.37 -7.37 -9.01
CA VAL A 363 2.78 -7.62 -9.34
C VAL A 363 3.49 -6.30 -9.78
N SER A 364 2.81 -5.42 -10.55
CA SER A 364 3.42 -4.15 -10.96
C SER A 364 3.74 -3.29 -9.74
N CYS A 365 2.84 -3.26 -8.73
CA CYS A 365 3.10 -2.52 -7.50
C CYS A 365 4.24 -3.12 -6.69
N GLU A 366 4.33 -4.47 -6.61
CA GLU A 366 5.44 -5.17 -5.92
C GLU A 366 6.76 -4.77 -6.59
N THR A 367 6.77 -4.74 -7.94
CA THR A 367 7.95 -4.39 -8.72
C THR A 367 8.33 -2.95 -8.44
N GLY A 368 7.34 -2.06 -8.49
CA GLY A 368 7.52 -0.65 -8.21
C GLY A 368 8.07 -0.37 -6.83
N SER A 369 7.57 -1.12 -5.83
CA SER A 369 8.02 -1.04 -4.44
C SER A 369 9.51 -1.42 -4.31
N GLY A 370 9.93 -2.50 -4.95
CA GLY A 370 11.32 -2.94 -4.93
C GLY A 370 12.22 -1.94 -5.65
N ASN A 371 11.74 -1.40 -6.75
CA ASN A 371 12.44 -0.40 -7.56
C ASN A 371 12.73 0.87 -6.78
N LEU A 372 11.74 1.37 -6.02
CA LEU A 372 11.89 2.55 -5.20
C LEU A 372 12.98 2.34 -4.12
N LEU A 373 12.91 1.20 -3.44
CA LEU A 373 13.87 0.82 -2.42
C LEU A 373 15.28 0.58 -2.98
N GLU A 374 15.41 0.19 -4.26
CA GLU A 374 16.71 0.01 -4.92
C GLU A 374 17.35 1.32 -5.40
N SER A 375 16.57 2.42 -5.46
CA SER A 375 17.11 3.70 -5.88
C SER A 375 18.07 4.28 -4.81
N LEU A 376 19.02 5.12 -5.21
CA LEU A 376 20.01 5.71 -4.29
C LEU A 376 19.36 6.43 -3.11
N SER A 377 18.26 7.14 -3.38
CA SER A 377 17.53 7.83 -2.34
C SER A 377 16.03 7.60 -2.53
N PRO A 378 15.50 6.53 -1.91
CA PRO A 378 14.06 6.23 -2.05
C PRO A 378 13.14 7.42 -1.73
N GLY A 379 13.42 8.13 -0.62
CA GLY A 379 12.66 9.31 -0.23
C GLY A 379 12.63 10.40 -1.28
N THR A 380 13.80 10.71 -1.88
CA THR A 380 13.92 11.73 -2.92
C THR A 380 13.16 11.32 -4.19
N THR A 381 13.33 10.07 -4.65
CA THR A 381 12.64 9.54 -5.83
C THR A 381 11.11 9.65 -5.63
N MET A 382 10.61 9.24 -4.44
CA MET A 382 9.19 9.32 -4.13
C MET A 382 8.72 10.76 -4.09
N ARG A 383 9.47 11.66 -3.43
CA ARG A 383 9.12 13.08 -3.39
C ARG A 383 9.06 13.70 -4.78
N ASP A 384 9.99 13.33 -5.68
CA ASP A 384 9.97 13.84 -7.04
C ASP A 384 8.69 13.38 -7.77
N ILE A 385 8.34 12.09 -7.65
CA ILE A 385 7.16 11.53 -8.30
C ILE A 385 5.85 12.12 -7.77
N ILE A 386 5.70 12.19 -6.45
CA ILE A 386 4.48 12.70 -5.83
C ILE A 386 4.24 14.21 -6.14
N ARG A 387 5.32 14.99 -6.33
CA ARG A 387 5.21 16.39 -6.68
C ARG A 387 4.79 16.51 -8.15
N LYS A 388 5.42 15.75 -9.06
CA LYS A 388 5.10 15.83 -10.49
C LYS A 388 3.72 15.28 -10.84
N GLU A 389 3.40 14.10 -10.35
CA GLU A 389 2.17 13.41 -10.70
C GLU A 389 0.97 13.80 -9.85
N PHE A 390 1.20 14.10 -8.56
CA PHE A 390 0.08 14.35 -7.65
C PHE A 390 0.08 15.76 -7.03
N MET A 391 1.09 16.58 -7.34
CA MET A 391 1.28 17.94 -6.87
C MET A 391 1.34 18.07 -5.32
N ALA A 392 1.86 17.04 -4.61
CA ALA A 392 2.06 17.15 -3.17
C ALA A 392 3.26 18.10 -2.95
N GLN A 393 3.15 19.05 -2.01
CA GLN A 393 4.17 20.08 -1.81
C GLN A 393 5.03 19.92 -0.55
N ASP A 394 4.54 19.22 0.47
CA ASP A 394 5.26 19.04 1.74
C ASP A 394 4.81 17.76 2.49
N VAL A 395 5.38 17.48 3.69
CA VAL A 395 5.06 16.30 4.51
C VAL A 395 3.57 16.17 4.81
N TYR A 396 2.88 17.30 5.04
CA TYR A 396 1.43 17.31 5.26
C TYR A 396 0.68 16.66 4.08
N ASP A 397 1.03 17.07 2.85
CA ASP A 397 0.43 16.53 1.64
C ASP A 397 0.83 15.06 1.41
N TYR A 398 2.09 14.67 1.70
CA TYR A 398 2.53 13.28 1.51
C TYR A 398 1.71 12.32 2.35
N VAL A 399 1.49 12.63 3.65
CA VAL A 399 0.71 11.78 4.56
C VAL A 399 -0.71 11.62 4.06
N TYR A 400 -1.38 12.74 3.70
CA TYR A 400 -2.74 12.68 3.21
C TYR A 400 -2.85 12.00 1.88
N PHE A 401 -1.85 12.18 0.99
CA PHE A 401 -1.86 11.50 -0.30
C PHE A 401 -1.78 9.98 -0.07
N CYS A 402 -0.92 9.53 0.85
CA CYS A 402 -0.78 8.11 1.14
C CYS A 402 -2.08 7.50 1.63
N VAL A 403 -2.83 8.21 2.47
CA VAL A 403 -4.08 7.70 3.02
C VAL A 403 -5.28 7.84 2.07
N LEU A 404 -5.33 8.91 1.27
CA LEU A 404 -6.47 9.16 0.36
C LEU A 404 -6.32 8.62 -1.03
N GLY A 405 -5.11 8.66 -1.57
CA GLY A 405 -4.85 8.29 -2.96
C GLY A 405 -4.90 9.48 -3.91
N ALA A 406 -5.31 10.66 -3.44
CA ALA A 406 -5.38 11.89 -4.25
C ALA A 406 -5.40 13.11 -3.34
N LEU A 407 -5.01 14.27 -3.87
CA LEU A 407 -5.07 15.51 -3.10
C LEU A 407 -5.98 16.48 -3.87
N PRO A 408 -7.27 16.49 -3.53
CA PRO A 408 -8.21 17.35 -4.25
C PRO A 408 -8.06 18.84 -3.93
N VAL A 409 -8.31 19.67 -4.94
CA VAL A 409 -8.35 21.11 -4.82
C VAL A 409 -9.68 21.63 -5.36
N THR A 410 -10.13 22.81 -4.90
CA THR A 410 -11.37 23.39 -5.40
C THR A 410 -11.10 24.09 -6.72
N VAL A 411 -11.98 23.89 -7.69
CA VAL A 411 -11.87 24.55 -8.98
C VAL A 411 -13.23 25.20 -9.32
N ALA A 412 -13.25 26.53 -9.58
CA ALA A 412 -14.50 27.25 -9.82
C ALA A 412 -15.25 26.74 -11.04
N VAL A 413 -16.58 26.64 -10.96
CA VAL A 413 -17.39 26.21 -12.09
C VAL A 413 -17.72 27.45 -12.94
N VAL A 414 -17.31 27.46 -14.22
CA VAL A 414 -17.54 28.63 -15.07
C VAL A 414 -18.29 28.27 -16.37
#